data_8D7O
#
_entry.id   8D7O
#
_cell.length_a   55.330
_cell.length_b   135.400
_cell.length_c   90.351
_cell.angle_alpha   90.00
_cell.angle_beta   94.41
_cell.angle_gamma   90.00
#
_symmetry.space_group_name_H-M   'C 1 2 1'
#
loop_
_entity.id
_entity.type
_entity.pdbx_description
1 polymer 'Casein kinase I isoform delta'
2 polymer 'Period circadian protein homolog 2 peptide'
3 water water
#
loop_
_entity_poly.entity_id
_entity_poly.type
_entity_poly.pdbx_seq_one_letter_code
_entity_poly.pdbx_strand_id
1 'polypeptide(L)'
;GAMDPEFMELRVGNRYRLGRKIGSGSFGDIYLGTDIAAGEEVAIKLECVKTKHPQLHIESKIYKMMQGGVGIPTIRWCGA
EGDYNVMVMELLGPSLEDLFNFCSRKFSLKTVLLLADQMISRIEYIHSKNFIHRDVKPDNFLMGLGKKGNLVYIIDFGLA
KKYRDARTHQHIPYRENKNLTGTARYASINTHLGIEQSRRDDLESLGYVLMYFNLGSLPWQGLKAATKRQKYERISEKKM
STPIEVLCKGYPSEFATYLNFCRSLRFDDKPDYSYLRQLFRNLFHRQGFSYDYVFDWNMLK
;
A,B
2 'polypeptide(L)' GKAE(SEP)VA(SEP)LT(SEP)QC(SEP)YA C,D
#
# COMPACT_ATOMS: atom_id res chain seq x y z
N GLU A 9 -18.05 -13.31 10.27
CA GLU A 9 -16.94 -12.48 9.83
C GLU A 9 -16.87 -12.45 8.31
N LEU A 10 -16.15 -11.46 7.76
CA LEU A 10 -16.07 -11.34 6.31
C LEU A 10 -14.99 -12.25 5.78
N ARG A 11 -15.39 -13.26 5.01
CA ARG A 11 -14.49 -14.26 4.44
C ARG A 11 -14.80 -14.49 2.96
N VAL A 12 -13.78 -14.42 2.12
CA VAL A 12 -13.90 -14.87 0.73
C VAL A 12 -13.72 -16.38 0.67
N GLY A 13 -14.43 -17.03 -0.24
CA GLY A 13 -14.37 -18.47 -0.34
C GLY A 13 -14.88 -19.19 0.88
N ASN A 14 -15.68 -18.52 1.71
CA ASN A 14 -16.20 -19.07 2.96
C ASN A 14 -15.08 -19.42 3.93
N ARG A 15 -13.84 -19.09 3.58
CA ARG A 15 -12.68 -19.71 4.19
C ARG A 15 -11.56 -18.73 4.51
N TYR A 16 -11.44 -17.60 3.83
CA TYR A 16 -10.30 -16.73 4.02
C TYR A 16 -10.81 -15.42 4.60
N ARG A 17 -10.40 -15.12 5.82
CA ARG A 17 -10.75 -13.87 6.45
C ARG A 17 -10.03 -12.72 5.74
N LEU A 18 -10.78 -11.67 5.43
CA LEU A 18 -10.20 -10.51 4.77
C LEU A 18 -9.53 -9.60 5.78
N GLY A 19 -8.32 -9.20 5.42
CA GLY A 19 -7.51 -8.32 6.26
C GLY A 19 -7.21 -7.03 5.54
N ARG A 20 -6.19 -6.34 5.98
CA ARG A 20 -5.90 -4.99 5.44
C ARG A 20 -5.48 -5.02 3.98
N LYS A 21 -5.77 -3.95 3.28
CA LYS A 21 -5.37 -3.82 1.87
C LYS A 21 -3.86 -3.60 1.89
N ILE A 22 -3.09 -4.44 1.21
CA ILE A 22 -1.62 -4.42 1.24
C ILE A 22 -1.04 -4.07 -0.11
N GLY A 23 -1.86 -3.66 -1.07
CA GLY A 23 -1.37 -3.31 -2.38
C GLY A 23 -2.49 -3.00 -3.33
N SER A 24 -2.17 -2.21 -4.36
CA SER A 24 -3.13 -1.84 -5.38
C SER A 24 -2.44 -1.85 -6.74
N GLY A 25 -3.24 -2.09 -7.77
CA GLY A 25 -2.74 -2.10 -9.13
C GLY A 25 -3.90 -1.85 -10.07
N SER A 26 -3.56 -1.76 -11.36
CA SER A 26 -4.57 -1.54 -12.38
C SER A 26 -5.53 -2.73 -12.51
N PHE A 27 -5.13 -3.93 -12.08
CA PHE A 27 -5.91 -5.13 -12.31
C PHE A 27 -6.47 -5.73 -11.02
N GLY A 28 -6.68 -4.89 -10.02
CA GLY A 28 -7.31 -5.32 -8.77
C GLY A 28 -6.49 -4.90 -7.56
N ASP A 29 -7.13 -5.05 -6.40
CA ASP A 29 -6.49 -4.74 -5.12
C ASP A 29 -6.07 -6.04 -4.44
N ILE A 30 -5.03 -5.94 -3.62
CA ILE A 30 -4.50 -7.12 -2.93
C ILE A 30 -4.68 -6.88 -1.43
N TYR A 31 -5.24 -7.87 -0.76
CA TYR A 31 -5.44 -7.79 0.68
C TYR A 31 -4.74 -8.95 1.38
N LEU A 32 -4.34 -8.70 2.62
CA LEU A 32 -3.98 -9.79 3.50
C LEU A 32 -5.22 -10.65 3.75
N GLY A 33 -4.99 -11.95 3.94
CA GLY A 33 -6.07 -12.83 4.32
C GLY A 33 -5.56 -13.86 5.32
N THR A 34 -6.49 -14.53 5.98
CA THR A 34 -6.14 -15.60 6.92
C THR A 34 -7.01 -16.80 6.60
N ASP A 35 -6.37 -17.92 6.29
CA ASP A 35 -7.07 -19.19 6.09
C ASP A 35 -7.56 -19.68 7.43
N ILE A 36 -8.89 -19.65 7.65
CA ILE A 36 -9.40 -20.05 8.94
C ILE A 36 -9.14 -21.54 9.19
N ALA A 37 -8.99 -22.33 8.12
CA ALA A 37 -8.73 -23.75 8.30
C ALA A 37 -7.39 -23.99 8.98
N ALA A 38 -6.36 -23.23 8.60
CA ALA A 38 -5.00 -23.45 9.07
C ALA A 38 -4.40 -22.29 9.84
N GLY A 39 -5.06 -21.12 9.87
CA GLY A 39 -4.40 -19.92 10.33
C GLY A 39 -3.31 -19.43 9.41
N GLU A 40 -3.10 -20.09 8.27
CA GLU A 40 -2.12 -19.65 7.29
C GLU A 40 -2.50 -18.28 6.74
N GLU A 41 -1.56 -17.34 6.72
CA GLU A 41 -1.79 -16.07 6.05
C GLU A 41 -1.71 -16.27 4.55
N VAL A 42 -2.57 -15.57 3.82
CA VAL A 42 -2.66 -15.65 2.37
C VAL A 42 -2.71 -14.22 1.83
N ALA A 43 -2.59 -14.12 0.51
CA ALA A 43 -2.85 -12.89 -0.21
C ALA A 43 -4.10 -13.08 -1.05
N ILE A 44 -4.98 -12.09 -1.01
CA ILE A 44 -6.27 -12.14 -1.67
C ILE A 44 -6.32 -11.02 -2.68
N LYS A 45 -6.44 -11.37 -3.95
CA LYS A 45 -6.60 -10.39 -5.02
C LYS A 45 -8.06 -10.29 -5.43
N LEU A 46 -8.57 -9.08 -5.46
CA LEU A 46 -9.97 -8.84 -5.82
C LEU A 46 -10.04 -7.97 -7.06
N GLU A 47 -10.89 -8.37 -8.00
CA GLU A 47 -11.19 -7.59 -9.20
C GLU A 47 -12.69 -7.38 -9.28
N CYS A 48 -13.11 -6.14 -9.49
CA CYS A 48 -14.53 -5.85 -9.60
C CYS A 48 -15.12 -6.55 -10.82
N VAL A 49 -16.31 -7.13 -10.65
CA VAL A 49 -16.92 -7.88 -11.74
C VAL A 49 -17.37 -6.95 -12.84
N LYS A 50 -17.72 -5.72 -12.52
CA LYS A 50 -18.17 -4.75 -13.52
C LYS A 50 -16.99 -4.05 -14.19
N THR A 51 -15.86 -4.73 -14.31
CA THR A 51 -14.67 -4.11 -14.86
C THR A 51 -14.71 -4.16 -16.38
N LYS A 52 -14.20 -3.10 -17.00
CA LYS A 52 -13.91 -3.11 -18.43
C LYS A 52 -13.15 -4.38 -18.84
N HIS A 53 -12.29 -4.88 -17.95
CA HIS A 53 -11.16 -5.72 -18.33
C HIS A 53 -11.17 -7.06 -17.64
N PRO A 54 -12.12 -7.97 -17.90
CA PRO A 54 -12.05 -9.25 -17.21
C PRO A 54 -10.67 -9.86 -17.42
N GLN A 55 -9.87 -9.94 -16.35
CA GLN A 55 -8.48 -10.37 -16.47
C GLN A 55 -8.09 -11.34 -15.37
N LEU A 56 -8.60 -11.13 -14.16
CA LEU A 56 -8.12 -11.91 -13.02
C LEU A 56 -8.30 -13.40 -13.27
N HIS A 57 -9.39 -13.81 -13.90
CA HIS A 57 -9.60 -15.24 -14.13
C HIS A 57 -8.58 -15.76 -15.15
N ILE A 58 -8.19 -14.93 -16.11
CA ILE A 58 -7.15 -15.33 -17.06
C ILE A 58 -5.80 -15.43 -16.33
N GLU A 59 -5.48 -14.43 -15.50
CA GLU A 59 -4.28 -14.54 -14.67
C GLU A 59 -4.30 -15.81 -13.83
N SER A 60 -5.46 -16.21 -13.32
CA SER A 60 -5.52 -17.41 -12.51
C SER A 60 -5.22 -18.66 -13.34
N LYS A 61 -5.65 -18.66 -14.61
CA LYS A 61 -5.35 -19.79 -15.48
C LYS A 61 -3.86 -19.89 -15.75
N ILE A 62 -3.20 -18.75 -15.96
CA ILE A 62 -1.76 -18.76 -16.18
C ILE A 62 -1.04 -19.27 -14.94
N TYR A 63 -1.44 -18.80 -13.76
CA TYR A 63 -0.81 -19.33 -12.55
C TYR A 63 -0.98 -20.84 -12.48
N LYS A 64 -2.17 -21.34 -12.83
CA LYS A 64 -2.36 -22.79 -12.79
C LYS A 64 -1.43 -23.49 -13.78
N MET A 65 -1.25 -22.89 -14.95
CA MET A 65 -0.37 -23.48 -15.96
C MET A 65 1.08 -23.55 -15.49
N MET A 66 1.47 -22.65 -14.59
CA MET A 66 2.86 -22.56 -14.15
C MET A 66 3.13 -23.27 -12.84
N GLN A 67 2.10 -23.84 -12.22
CA GLN A 67 2.23 -24.40 -10.88
C GLN A 67 3.32 -25.47 -10.86
N GLY A 68 4.04 -25.52 -9.74
CA GLY A 68 5.13 -26.45 -9.57
C GLY A 68 6.47 -25.91 -9.98
N GLY A 69 6.51 -24.87 -10.80
CA GLY A 69 7.77 -24.26 -11.16
C GLY A 69 8.42 -23.60 -9.95
N VAL A 70 9.75 -23.62 -9.95
CA VAL A 70 10.51 -22.98 -8.88
C VAL A 70 10.17 -21.50 -8.85
N GLY A 71 9.84 -21.00 -7.67
CA GLY A 71 9.59 -19.58 -7.55
C GLY A 71 8.28 -19.09 -8.14
N ILE A 72 7.31 -19.98 -8.30
CA ILE A 72 5.98 -19.60 -8.76
C ILE A 72 5.03 -19.73 -7.55
N PRO A 73 4.34 -18.67 -7.17
CA PRO A 73 3.42 -18.78 -6.04
C PRO A 73 2.33 -19.79 -6.32
N THR A 74 1.87 -20.45 -5.26
CA THR A 74 0.76 -21.40 -5.34
C THR A 74 -0.56 -20.66 -5.25
N ILE A 75 -1.48 -21.00 -6.12
CA ILE A 75 -2.83 -20.47 -6.10
C ILE A 75 -3.70 -21.40 -5.25
N ARG A 76 -4.45 -20.83 -4.31
CA ARG A 76 -5.22 -21.63 -3.38
C ARG A 76 -6.70 -21.69 -3.70
N TRP A 77 -7.25 -20.64 -4.31
CA TRP A 77 -8.68 -20.61 -4.58
C TRP A 77 -8.96 -19.48 -5.55
N CYS A 78 -9.86 -19.74 -6.49
CA CYS A 78 -10.37 -18.72 -7.38
C CYS A 78 -11.87 -18.96 -7.50
N GLY A 79 -12.60 -17.87 -7.63
CA GLY A 79 -14.04 -17.96 -7.67
C GLY A 79 -14.66 -16.58 -7.74
N ALA A 80 -15.97 -16.56 -7.93
CA ALA A 80 -16.72 -15.32 -7.95
C ALA A 80 -17.54 -15.23 -6.67
N GLU A 81 -17.50 -14.07 -6.03
CA GLU A 81 -18.20 -13.89 -4.76
C GLU A 81 -18.61 -12.43 -4.62
N GLY A 82 -19.92 -12.19 -4.69
CA GLY A 82 -20.42 -10.84 -4.52
C GLY A 82 -20.10 -10.01 -5.73
N ASP A 83 -19.54 -8.82 -5.50
CA ASP A 83 -19.17 -7.94 -6.59
C ASP A 83 -17.76 -8.17 -7.08
N TYR A 84 -17.14 -9.31 -6.74
CA TYR A 84 -15.73 -9.50 -7.05
C TYR A 84 -15.42 -10.86 -7.62
N ASN A 85 -14.48 -10.87 -8.55
CA ASN A 85 -13.71 -12.06 -8.83
C ASN A 85 -12.56 -12.13 -7.84
N VAL A 86 -12.27 -13.33 -7.37
CA VAL A 86 -11.34 -13.55 -6.27
C VAL A 86 -10.26 -14.51 -6.73
N MET A 87 -9.01 -14.22 -6.35
CA MET A 87 -7.91 -15.16 -6.50
C MET A 87 -7.12 -15.12 -5.20
N VAL A 88 -7.04 -16.24 -4.53
CA VAL A 88 -6.32 -16.36 -3.28
C VAL A 88 -5.00 -17.05 -3.54
N MET A 89 -3.90 -16.44 -3.07
CA MET A 89 -2.55 -16.91 -3.31
C MET A 89 -1.81 -17.14 -1.98
N GLU A 90 -0.84 -18.05 -2.04
CA GLU A 90 0.14 -18.16 -0.98
C GLU A 90 0.76 -16.79 -0.74
N LEU A 91 0.93 -16.45 0.55
CA LEU A 91 1.54 -15.18 0.91
C LEU A 91 3.03 -15.32 0.83
N LEU A 92 3.65 -14.41 0.11
CA LEU A 92 5.09 -14.42 0.01
C LEU A 92 5.66 -13.32 0.91
N GLY A 93 6.98 -13.19 0.89
CA GLY A 93 7.65 -12.23 1.73
C GLY A 93 7.73 -10.88 1.04
N PRO A 94 8.71 -10.06 1.44
CA PRO A 94 8.77 -8.69 0.90
C PRO A 94 9.16 -8.72 -0.56
N SER A 95 8.71 -7.70 -1.27
CA SER A 95 9.16 -7.55 -2.65
C SER A 95 10.59 -7.02 -2.69
N LEU A 96 11.22 -7.14 -3.86
CA LEU A 96 12.55 -6.58 -3.97
C LEU A 96 12.55 -5.06 -3.86
N GLU A 97 11.47 -4.41 -4.28
CA GLU A 97 11.36 -2.97 -4.05
C GLU A 97 11.29 -2.68 -2.55
N ASP A 98 10.49 -3.45 -1.82
CA ASP A 98 10.43 -3.32 -0.37
C ASP A 98 11.80 -3.44 0.25
N LEU A 99 12.54 -4.49 -0.13
CA LEU A 99 13.85 -4.73 0.45
C LEU A 99 14.85 -3.68 0.01
N PHE A 100 14.75 -3.20 -1.24
CA PHE A 100 15.61 -2.12 -1.69
C PHE A 100 15.43 -0.89 -0.82
N ASN A 101 14.17 -0.51 -0.56
CA ASN A 101 13.88 0.62 0.32
C ASN A 101 14.35 0.34 1.73
N PHE A 102 14.13 -0.88 2.19
CA PHE A 102 14.60 -1.25 3.52
C PHE A 102 16.11 -1.06 3.63
N CYS A 103 16.87 -1.42 2.59
CA CYS A 103 18.32 -1.25 2.56
C CYS A 103 18.73 0.16 2.14
N SER A 104 17.84 1.15 2.28
CA SER A 104 18.14 2.55 1.96
C SER A 104 18.57 2.72 0.50
N ARG A 105 17.96 1.92 -0.39
CA ARG A 105 18.10 2.08 -1.84
C ARG A 105 19.56 1.97 -2.24
N LYS A 106 20.26 1.07 -1.53
CA LYS A 106 21.60 0.62 -1.91
C LYS A 106 21.65 -0.90 -1.81
N PHE A 107 22.01 -1.58 -2.90
CA PHE A 107 22.32 -3.00 -2.90
C PHE A 107 23.78 -3.21 -3.28
N SER A 108 24.47 -4.10 -2.57
CA SER A 108 25.82 -4.47 -2.95
C SER A 108 25.81 -5.21 -4.28
N LEU A 109 26.96 -5.19 -4.96
CA LEU A 109 27.11 -5.97 -6.19
C LEU A 109 26.78 -7.43 -5.95
N LYS A 110 27.21 -7.99 -4.82
CA LYS A 110 26.93 -9.38 -4.53
C LYS A 110 25.43 -9.66 -4.52
N THR A 111 24.66 -8.82 -3.84
CA THR A 111 23.21 -8.99 -3.80
C THR A 111 22.60 -8.84 -5.19
N VAL A 112 23.06 -7.86 -5.95
CA VAL A 112 22.55 -7.69 -7.31
C VAL A 112 22.80 -8.96 -8.14
N LEU A 113 23.98 -9.56 -7.99
CA LEU A 113 24.30 -10.72 -8.83
C LEU A 113 23.57 -11.97 -8.34
N LEU A 114 23.42 -12.10 -7.02
CA LEU A 114 22.62 -13.22 -6.50
C LEU A 114 21.20 -13.15 -7.04
N LEU A 115 20.64 -11.95 -7.07
CA LEU A 115 19.28 -11.76 -7.57
C LEU A 115 19.23 -11.97 -9.07
N ALA A 116 20.22 -11.47 -9.80
CA ALA A 116 20.19 -11.60 -11.25
C ALA A 116 20.11 -13.06 -11.68
N ASP A 117 20.88 -13.93 -11.03
CA ASP A 117 20.92 -15.33 -11.47
C ASP A 117 19.54 -15.96 -11.35
N GLN A 118 18.86 -15.72 -10.25
CA GLN A 118 17.52 -16.28 -10.08
C GLN A 118 16.49 -15.62 -10.98
N MET A 119 16.58 -14.30 -11.17
CA MET A 119 15.59 -13.60 -11.97
C MET A 119 15.67 -14.02 -13.44
N ILE A 120 16.90 -14.20 -13.96
CA ILE A 120 17.00 -14.71 -15.31
C ILE A 120 16.33 -16.07 -15.41
N SER A 121 16.53 -16.92 -14.39
CA SER A 121 15.95 -18.26 -14.41
C SER A 121 14.43 -18.21 -14.30
N ARG A 122 13.87 -17.29 -13.50
CA ARG A 122 12.42 -17.22 -13.41
C ARG A 122 11.82 -16.84 -14.76
N ILE A 123 12.41 -15.88 -15.42
CA ILE A 123 11.93 -15.43 -16.72
C ILE A 123 12.03 -16.57 -17.74
N GLU A 124 13.15 -17.28 -17.75
CA GLU A 124 13.33 -18.44 -18.63
C GLU A 124 12.23 -19.46 -18.40
N TYR A 125 11.89 -19.73 -17.14
CA TYR A 125 10.84 -20.71 -16.86
C TYR A 125 9.51 -20.25 -17.46
N ILE A 126 9.15 -18.99 -17.26
CA ILE A 126 7.91 -18.48 -17.85
C ILE A 126 7.91 -18.68 -19.37
N HIS A 127 9.00 -18.30 -20.02
CA HIS A 127 9.13 -18.47 -21.47
C HIS A 127 9.02 -19.92 -21.86
N SER A 128 9.56 -20.82 -21.04
CA SER A 128 9.49 -22.25 -21.35
C SER A 128 8.07 -22.75 -21.36
N LYS A 129 7.19 -22.08 -20.65
CA LYS A 129 5.76 -22.42 -20.58
C LYS A 129 4.93 -21.65 -21.61
N ASN A 130 5.60 -20.98 -22.54
CA ASN A 130 5.03 -20.34 -23.73
C ASN A 130 4.44 -18.97 -23.48
N PHE A 131 4.78 -18.33 -22.34
CA PHE A 131 4.29 -17.00 -22.03
C PHE A 131 5.42 -16.00 -21.89
N ILE A 132 5.11 -14.75 -22.17
CA ILE A 132 5.92 -13.62 -21.75
C ILE A 132 5.19 -12.88 -20.65
N HIS A 133 5.97 -12.27 -19.77
CA HIS A 133 5.42 -11.64 -18.57
C HIS A 133 4.92 -10.23 -18.81
N ARG A 134 5.75 -9.41 -19.47
CA ARG A 134 5.48 -8.05 -19.93
C ARG A 134 5.41 -7.00 -18.81
N ASP A 135 5.70 -7.35 -17.56
CA ASP A 135 5.69 -6.34 -16.51
C ASP A 135 6.78 -6.62 -15.49
N VAL A 136 8.00 -6.83 -15.99
CA VAL A 136 9.14 -7.11 -15.14
C VAL A 136 9.55 -5.84 -14.44
N LYS A 137 9.55 -5.86 -13.11
CA LYS A 137 9.87 -4.73 -12.27
C LYS A 137 10.10 -5.21 -10.83
N PRO A 138 10.82 -4.45 -10.01
CA PRO A 138 11.16 -4.92 -8.67
C PRO A 138 9.97 -5.28 -7.81
N ASP A 139 8.83 -4.62 -8.00
CA ASP A 139 7.64 -4.92 -7.19
C ASP A 139 7.10 -6.31 -7.49
N ASN A 140 7.46 -6.88 -8.64
CA ASN A 140 6.90 -8.15 -9.06
C ASN A 140 7.82 -9.33 -8.80
N PHE A 141 8.86 -9.14 -7.98
CA PHE A 141 9.65 -10.24 -7.48
C PHE A 141 9.61 -10.18 -5.96
N LEU A 142 9.27 -11.29 -5.33
CA LEU A 142 9.11 -11.38 -3.88
C LEU A 142 9.99 -12.50 -3.36
N MET A 143 10.60 -12.31 -2.20
CA MET A 143 11.31 -13.38 -1.54
C MET A 143 10.31 -14.33 -0.87
N GLY A 144 10.69 -15.59 -0.79
CA GLY A 144 9.87 -16.57 -0.13
C GLY A 144 9.85 -16.30 1.36
N LEU A 145 9.06 -17.11 2.06
CA LEU A 145 8.88 -16.92 3.49
C LEU A 145 9.69 -17.97 4.23
N GLY A 146 10.24 -17.55 5.37
CA GLY A 146 10.92 -18.48 6.26
C GLY A 146 11.99 -19.28 5.57
N LYS A 147 11.71 -20.57 5.40
CA LYS A 147 12.67 -21.50 4.79
C LYS A 147 13.00 -21.15 3.34
N LYS A 148 12.04 -20.61 2.62
CA LYS A 148 12.24 -20.23 1.23
C LYS A 148 12.64 -18.78 1.08
N GLY A 149 13.15 -18.18 2.16
CA GLY A 149 13.54 -16.80 2.19
C GLY A 149 14.74 -16.50 1.31
N ASN A 150 15.42 -17.52 0.83
CA ASN A 150 16.52 -17.35 -0.11
C ASN A 150 16.05 -17.45 -1.55
N LEU A 151 14.79 -17.72 -1.79
CA LEU A 151 14.27 -17.98 -3.13
C LEU A 151 13.50 -16.78 -3.64
N VAL A 152 13.83 -16.35 -4.86
CA VAL A 152 13.12 -15.26 -5.54
C VAL A 152 11.92 -15.83 -6.29
N TYR A 153 10.73 -15.30 -6.01
CA TYR A 153 9.51 -15.64 -6.72
C TYR A 153 9.13 -14.51 -7.68
N ILE A 154 8.41 -14.86 -8.75
CA ILE A 154 7.86 -13.86 -9.67
C ILE A 154 6.34 -13.89 -9.55
N ILE A 155 5.73 -12.71 -9.54
CA ILE A 155 4.29 -12.55 -9.40
C ILE A 155 3.76 -11.65 -10.52
N ASP A 156 2.42 -11.46 -10.51
CA ASP A 156 1.69 -10.53 -11.34
C ASP A 156 1.69 -10.94 -12.81
N PHE A 157 0.79 -11.84 -13.16
CA PHE A 157 0.67 -12.29 -14.54
C PHE A 157 -0.50 -11.62 -15.25
N GLY A 158 -0.95 -10.48 -14.74
CA GLY A 158 -2.08 -9.78 -15.32
C GLY A 158 -1.83 -9.22 -16.71
N LEU A 159 -0.56 -9.04 -17.10
CA LEU A 159 -0.24 -8.60 -18.45
C LEU A 159 0.41 -9.70 -19.26
N ALA A 160 0.53 -10.90 -18.71
CA ALA A 160 1.23 -11.98 -19.37
C ALA A 160 0.41 -12.48 -20.55
N LYS A 161 1.11 -13.02 -21.54
CA LYS A 161 0.41 -13.66 -22.65
C LYS A 161 1.29 -14.65 -23.37
N LYS A 162 0.63 -15.50 -24.14
CA LYS A 162 1.34 -16.48 -24.96
C LYS A 162 2.07 -15.76 -26.07
N TYR A 163 3.31 -16.19 -26.30
CA TYR A 163 4.08 -15.68 -27.42
C TYR A 163 4.25 -16.75 -28.48
N ARG A 164 3.91 -18.01 -28.19
CA ARG A 164 4.00 -19.06 -29.20
C ARG A 164 2.96 -20.14 -28.93
N ASP A 165 2.55 -20.81 -30.01
CA ASP A 165 1.61 -21.91 -29.90
C ASP A 165 2.22 -23.07 -29.12
N ALA A 166 1.44 -23.61 -28.19
CA ALA A 166 1.96 -24.65 -27.30
C ALA A 166 2.36 -25.90 -28.06
N ARG A 167 1.65 -26.23 -29.14
CA ARG A 167 1.95 -27.44 -29.89
C ARG A 167 2.99 -27.21 -30.98
N THR A 168 2.83 -26.17 -31.79
CA THR A 168 3.69 -25.96 -32.95
C THR A 168 4.86 -25.04 -32.67
N HIS A 169 4.82 -24.30 -31.57
CA HIS A 169 5.79 -23.25 -31.23
C HIS A 169 5.85 -22.17 -32.31
N GLN A 170 4.82 -22.04 -33.13
CA GLN A 170 4.75 -20.88 -34.02
C GLN A 170 4.64 -19.62 -33.17
N HIS A 171 5.60 -18.72 -33.37
CA HIS A 171 5.67 -17.46 -32.65
C HIS A 171 4.53 -16.56 -33.12
N ILE A 172 4.01 -15.77 -32.19
CA ILE A 172 3.00 -14.79 -32.50
C ILE A 172 3.56 -13.81 -33.50
N PRO A 173 2.71 -13.12 -34.26
CA PRO A 173 3.21 -12.25 -35.33
C PRO A 173 3.73 -10.92 -34.84
N TYR A 174 4.66 -10.38 -35.60
CA TYR A 174 5.23 -9.05 -35.34
C TYR A 174 4.24 -7.97 -35.71
N ARG A 175 4.18 -6.90 -34.93
CA ARG A 175 3.37 -5.71 -35.29
C ARG A 175 3.97 -4.49 -34.63
N GLU A 176 3.59 -3.32 -35.10
CA GLU A 176 4.03 -2.04 -34.53
C GLU A 176 2.77 -1.25 -34.17
N ASN A 177 2.93 0.02 -33.86
CA ASN A 177 1.82 0.92 -33.59
C ASN A 177 1.03 0.51 -32.35
N LYS A 178 1.68 -0.19 -31.41
CA LYS A 178 1.01 -0.61 -30.17
C LYS A 178 1.15 0.45 -29.09
N ASN A 179 0.13 0.58 -28.26
CA ASN A 179 0.21 1.44 -27.09
C ASN A 179 0.99 0.72 -26.01
N LEU A 180 1.53 1.50 -25.09
CA LEU A 180 2.48 0.95 -24.14
C LEU A 180 1.78 -0.02 -23.19
N THR A 181 2.41 -1.17 -22.98
CA THR A 181 1.99 -2.15 -22.00
C THR A 181 3.14 -2.38 -21.04
N GLY A 182 2.83 -2.43 -19.75
CA GLY A 182 3.83 -2.63 -18.72
C GLY A 182 4.01 -1.36 -17.92
N THR A 183 5.21 -1.07 -17.45
CA THR A 183 5.45 0.14 -16.70
C THR A 183 6.48 0.98 -17.44
N ALA A 184 6.24 2.28 -17.51
CA ALA A 184 7.09 3.14 -18.31
C ALA A 184 8.55 3.08 -17.84
N ARG A 185 8.77 2.98 -16.52
CA ARG A 185 10.15 3.07 -16.03
C ARG A 185 10.99 1.89 -16.52
N TYR A 186 10.41 0.71 -16.60
CA TYR A 186 11.20 -0.50 -16.89
C TYR A 186 10.95 -1.07 -18.27
N ALA A 187 10.04 -0.49 -19.06
CA ALA A 187 9.71 -1.02 -20.37
C ALA A 187 10.91 -1.00 -21.29
N SER A 188 10.93 -1.95 -22.20
CA SER A 188 11.97 -1.99 -23.21
C SER A 188 11.83 -0.82 -24.18
N ILE A 189 12.94 -0.52 -24.84
CA ILE A 189 12.92 0.51 -25.87
C ILE A 189 11.91 0.16 -26.96
N ASN A 190 11.90 -1.11 -27.39
CA ASN A 190 10.97 -1.50 -28.45
C ASN A 190 9.52 -1.31 -28.01
N THR A 191 9.22 -1.49 -26.73
CA THR A 191 7.85 -1.24 -26.26
C THR A 191 7.49 0.23 -26.40
N HIS A 192 8.41 1.12 -26.03
CA HIS A 192 8.20 2.55 -26.24
C HIS A 192 7.98 2.88 -27.72
N LEU A 193 8.63 2.13 -28.60
CA LEU A 193 8.50 2.33 -30.06
C LEU A 193 7.24 1.71 -30.63
N GLY A 194 6.40 1.14 -29.78
CA GLY A 194 5.15 0.55 -30.23
C GLY A 194 5.26 -0.85 -30.77
N ILE A 195 6.38 -1.54 -30.54
CA ILE A 195 6.58 -2.86 -31.13
C ILE A 195 5.97 -3.92 -30.21
N GLU A 196 5.36 -4.94 -30.80
CA GLU A 196 4.89 -6.11 -30.07
C GLU A 196 5.98 -6.69 -29.19
N GLN A 197 5.63 -7.00 -27.94
CA GLN A 197 6.56 -7.61 -27.01
C GLN A 197 6.85 -9.07 -27.33
N SER A 198 8.07 -9.50 -27.00
CA SER A 198 8.45 -10.89 -27.10
C SER A 198 9.45 -11.17 -25.98
N ARG A 199 10.11 -12.32 -26.07
CA ARG A 199 10.95 -12.80 -24.97
C ARG A 199 12.04 -11.80 -24.65
N ARG A 200 12.64 -11.19 -25.68
CA ARG A 200 13.72 -10.24 -25.47
C ARG A 200 13.32 -9.08 -24.56
N ASP A 201 12.05 -8.63 -24.60
CA ASP A 201 11.65 -7.46 -23.84
C ASP A 201 11.61 -7.75 -22.34
N ASP A 202 11.17 -8.95 -21.95
CA ASP A 202 11.22 -9.30 -20.53
C ASP A 202 12.66 -9.18 -20.00
N LEU A 203 13.63 -9.63 -20.80
CA LEU A 203 15.02 -9.64 -20.37
C LEU A 203 15.63 -8.25 -20.41
N GLU A 204 15.25 -7.41 -21.39
CA GLU A 204 15.73 -6.03 -21.37
C GLU A 204 15.23 -5.30 -20.14
N SER A 205 13.95 -5.45 -19.82
CA SER A 205 13.42 -4.85 -18.61
C SER A 205 14.19 -5.31 -17.38
N LEU A 206 14.52 -6.59 -17.31
CA LEU A 206 15.33 -7.04 -16.18
C LEU A 206 16.67 -6.30 -16.12
N GLY A 207 17.27 -6.08 -17.28
CA GLY A 207 18.50 -5.31 -17.33
C GLY A 207 18.36 -3.93 -16.73
N TYR A 208 17.22 -3.26 -16.98
CA TYR A 208 17.00 -1.96 -16.36
C TYR A 208 16.78 -2.12 -14.86
N VAL A 209 16.09 -3.19 -14.45
CA VAL A 209 15.92 -3.46 -13.02
C VAL A 209 17.27 -3.61 -12.33
N LEU A 210 18.19 -4.36 -12.96
CA LEU A 210 19.50 -4.54 -12.33
C LEU A 210 20.28 -3.23 -12.23
N MET A 211 20.22 -2.39 -13.27
CA MET A 211 20.93 -1.11 -13.18
C MET A 211 20.25 -0.17 -12.20
N TYR A 212 18.93 -0.25 -12.07
CA TYR A 212 18.23 0.47 -11.01
C TYR A 212 18.73 0.09 -9.63
N PHE A 213 18.90 -1.21 -9.39
CA PHE A 213 19.44 -1.64 -8.10
C PHE A 213 20.86 -1.12 -7.88
N ASN A 214 21.68 -1.06 -8.94
CA ASN A 214 23.04 -0.55 -8.82
C ASN A 214 23.06 0.94 -8.56
N LEU A 215 22.14 1.68 -9.20
CA LEU A 215 22.21 3.15 -9.19
C LEU A 215 21.36 3.79 -8.10
N GLY A 216 20.27 3.15 -7.71
CA GLY A 216 19.31 3.73 -6.81
C GLY A 216 18.16 4.41 -7.50
N SER A 217 18.31 4.72 -8.78
CA SER A 217 17.35 5.44 -9.60
C SER A 217 17.82 5.23 -11.03
N LEU A 218 16.90 5.36 -11.97
CA LEU A 218 17.28 5.36 -13.37
C LEU A 218 17.26 6.80 -13.91
N PRO A 219 18.01 7.09 -14.98
CA PRO A 219 18.10 8.49 -15.44
C PRO A 219 16.79 9.06 -15.96
N TRP A 220 15.84 8.23 -16.37
CA TRP A 220 14.53 8.68 -16.85
C TRP A 220 13.45 8.64 -15.78
N GLN A 221 13.86 8.47 -14.52
CA GLN A 221 12.96 8.41 -13.40
C GLN A 221 12.85 9.81 -12.81
N GLY A 222 11.63 10.20 -12.45
CA GLY A 222 11.42 11.50 -11.83
C GLY A 222 11.53 12.69 -12.75
N LEU A 223 11.05 12.56 -14.00
CA LEU A 223 11.09 13.66 -14.95
C LEU A 223 9.83 14.51 -14.81
N LYS A 224 10.00 15.83 -14.90
CA LYS A 224 8.89 16.76 -14.80
C LYS A 224 8.07 16.76 -16.08
N ALA A 225 6.76 16.62 -15.95
CA ALA A 225 5.84 16.73 -17.09
C ALA A 225 4.53 17.33 -16.59
N ALA A 226 3.43 17.03 -17.26
CA ALA A 226 2.10 17.47 -16.82
C ALA A 226 1.06 16.42 -17.19
N THR A 227 0.87 16.23 -18.51
CA THR A 227 -0.04 15.19 -19.04
C THR A 227 0.64 13.85 -18.84
N LYS A 228 -0.08 12.74 -18.90
CA LYS A 228 0.53 11.39 -18.83
C LYS A 228 1.04 11.13 -20.24
N ARG A 229 0.46 11.83 -21.23
CA ARG A 229 0.84 11.65 -22.64
C ARG A 229 2.25 12.18 -22.72
N GLN A 230 2.46 13.35 -22.14
CA GLN A 230 3.75 13.99 -22.27
C GLN A 230 4.77 13.35 -21.34
N LYS A 231 4.31 12.77 -20.23
CA LYS A 231 5.25 12.18 -19.30
C LYS A 231 5.89 10.94 -19.89
N TYR A 232 5.09 10.11 -20.56
CA TYR A 232 5.65 8.90 -21.16
C TYR A 232 6.53 9.23 -22.35
N GLU A 233 6.23 10.32 -23.06
CA GLU A 233 7.14 10.75 -24.12
C GLU A 233 8.46 11.23 -23.53
N ARG A 234 8.42 11.95 -22.42
CA ARG A 234 9.64 12.36 -21.75
C ARG A 234 10.51 11.15 -21.40
N ILE A 235 9.88 10.11 -20.83
CA ILE A 235 10.62 8.91 -20.41
C ILE A 235 11.20 8.19 -21.61
N SER A 236 10.38 7.96 -22.64
CA SER A 236 10.81 7.29 -23.89
C SER A 236 11.95 8.07 -24.54
N GLU A 237 11.90 9.40 -24.47
CA GLU A 237 12.92 10.28 -25.10
C GLU A 237 14.24 10.17 -24.32
N LYS A 238 14.18 10.13 -22.99
CA LYS A 238 15.38 10.03 -22.13
C LYS A 238 16.01 8.65 -22.31
N LYS A 239 15.23 7.59 -22.16
CA LYS A 239 15.70 6.20 -22.23
C LYS A 239 16.43 5.98 -23.55
N MET A 240 15.87 6.46 -24.66
CA MET A 240 16.52 6.29 -25.95
C MET A 240 17.78 7.15 -26.07
N SER A 241 17.78 8.35 -25.50
CA SER A 241 18.92 9.25 -25.64
C SER A 241 20.06 8.93 -24.67
N THR A 242 19.86 7.98 -23.75
CA THR A 242 20.92 7.62 -22.83
C THR A 242 21.59 6.36 -23.37
N PRO A 243 22.81 6.44 -23.89
CA PRO A 243 23.47 5.22 -24.37
C PRO A 243 23.64 4.23 -23.22
N ILE A 244 23.61 2.95 -23.57
CA ILE A 244 23.81 1.90 -22.58
C ILE A 244 25.13 2.09 -21.86
N GLU A 245 26.17 2.54 -22.59
CA GLU A 245 27.46 2.73 -21.95
C GLU A 245 27.44 3.88 -20.96
N VAL A 246 26.58 4.87 -21.19
CA VAL A 246 26.44 5.96 -20.21
C VAL A 246 25.61 5.50 -19.03
N LEU A 247 24.52 4.78 -19.28
CA LEU A 247 23.68 4.25 -18.21
C LEU A 247 24.49 3.45 -17.21
N CYS A 248 25.42 2.66 -17.70
CA CYS A 248 26.13 1.65 -16.90
C CYS A 248 27.49 2.17 -16.42
N LYS A 249 27.78 3.43 -16.66
CA LYS A 249 29.06 3.99 -16.25
C LYS A 249 29.28 3.82 -14.75
N GLY A 250 30.48 3.35 -14.37
CA GLY A 250 30.82 3.13 -12.99
C GLY A 250 30.52 1.73 -12.47
N TYR A 251 29.95 0.88 -13.30
CA TYR A 251 29.59 -0.49 -12.96
C TYR A 251 30.24 -1.47 -13.94
N PRO A 252 30.38 -2.74 -13.54
CA PRO A 252 31.07 -3.69 -14.38
C PRO A 252 30.46 -3.80 -15.78
N SER A 253 31.32 -4.03 -16.77
CA SER A 253 30.88 -4.05 -18.16
C SER A 253 29.81 -5.09 -18.44
N GLU A 254 29.74 -6.14 -17.61
CA GLU A 254 28.73 -7.17 -17.82
C GLU A 254 27.33 -6.60 -17.88
N PHE A 255 27.04 -5.54 -17.11
CA PHE A 255 25.69 -4.98 -17.17
C PHE A 255 25.37 -4.38 -18.54
N ALA A 256 26.36 -3.70 -19.16
CA ALA A 256 26.18 -3.20 -20.51
C ALA A 256 26.14 -4.32 -21.53
N THR A 257 26.99 -5.33 -21.35
CA THR A 257 26.99 -6.46 -22.25
C THR A 257 25.63 -7.14 -22.23
N TYR A 258 25.07 -7.29 -21.02
CA TYR A 258 23.74 -7.87 -20.86
C TYR A 258 22.70 -7.08 -21.66
N LEU A 259 22.68 -5.76 -21.47
CA LEU A 259 21.68 -4.93 -22.12
C LEU A 259 21.87 -4.90 -23.61
N ASN A 260 23.12 -4.83 -24.08
CA ASN A 260 23.34 -4.84 -25.53
C ASN A 260 22.90 -6.15 -26.13
N PHE A 261 23.14 -7.26 -25.44
CA PHE A 261 22.71 -8.55 -25.96
C PHE A 261 21.19 -8.59 -26.11
N CYS A 262 20.48 -8.11 -25.08
CA CYS A 262 19.01 -8.11 -25.16
C CYS A 262 18.50 -7.21 -26.28
N ARG A 263 19.12 -6.05 -26.48
CA ARG A 263 18.71 -5.13 -27.53
C ARG A 263 19.00 -5.69 -28.92
N SER A 264 19.97 -6.60 -29.03
CA SER A 264 20.34 -7.21 -30.31
C SER A 264 19.53 -8.45 -30.68
N LEU A 265 18.76 -9.00 -29.75
CA LEU A 265 17.89 -10.11 -30.09
C LEU A 265 16.84 -9.67 -31.13
N ARG A 266 16.57 -10.55 -32.06
CA ARG A 266 15.48 -10.29 -32.99
C ARG A 266 14.16 -10.65 -32.33
N PHE A 267 13.09 -10.15 -32.93
CA PHE A 267 11.76 -10.34 -32.36
C PHE A 267 11.50 -11.79 -31.95
N ASP A 268 11.75 -12.77 -32.84
CA ASP A 268 11.36 -14.14 -32.48
C ASP A 268 12.53 -14.99 -32.01
N ASP A 269 13.69 -14.37 -31.77
CA ASP A 269 14.85 -15.13 -31.33
C ASP A 269 14.65 -15.74 -29.95
N LYS A 270 15.18 -16.95 -29.76
CA LYS A 270 15.26 -17.50 -28.40
C LYS A 270 16.48 -16.91 -27.69
N PRO A 271 16.30 -16.30 -26.52
CA PRO A 271 17.46 -15.77 -25.80
C PRO A 271 18.36 -16.90 -25.33
N ASP A 272 19.66 -16.60 -25.23
CA ASP A 272 20.61 -17.52 -24.64
C ASP A 272 20.67 -17.21 -23.13
N TYR A 273 19.75 -17.82 -22.39
CA TYR A 273 19.67 -17.53 -20.95
C TYR A 273 20.93 -17.99 -20.23
N SER A 274 21.52 -19.10 -20.69
CA SER A 274 22.72 -19.60 -20.04
C SER A 274 23.89 -18.65 -20.22
N TYR A 275 24.01 -18.05 -21.41
CA TYR A 275 25.03 -17.02 -21.64
C TYR A 275 24.84 -15.85 -20.68
N LEU A 276 23.59 -15.39 -20.53
CA LEU A 276 23.36 -14.25 -19.68
C LEU A 276 23.65 -14.57 -18.21
N ARG A 277 23.24 -15.76 -17.74
CA ARG A 277 23.60 -16.14 -16.37
C ARG A 277 25.11 -16.21 -16.19
N GLN A 278 25.80 -16.78 -17.16
CA GLN A 278 27.26 -16.94 -17.05
C GLN A 278 28.00 -15.60 -17.08
N LEU A 279 27.49 -14.59 -17.80
CA LEU A 279 28.12 -13.25 -17.69
C LEU A 279 28.25 -12.84 -16.22
N PHE A 280 27.16 -12.95 -15.48
CA PHE A 280 27.14 -12.50 -14.07
C PHE A 280 27.85 -13.49 -13.13
N ARG A 281 27.76 -14.78 -13.41
CA ARG A 281 28.43 -15.80 -12.59
C ARG A 281 29.93 -15.55 -12.69
N ASN A 282 30.41 -15.31 -13.90
CA ASN A 282 31.84 -15.10 -14.07
C ASN A 282 32.27 -13.88 -13.27
N LEU A 283 31.48 -12.80 -13.34
CA LEU A 283 31.76 -11.62 -12.53
C LEU A 283 31.73 -11.95 -11.05
N PHE A 284 30.73 -12.73 -10.62
CA PHE A 284 30.61 -13.11 -9.23
C PHE A 284 31.88 -13.77 -8.74
N HIS A 285 32.43 -14.69 -9.53
CA HIS A 285 33.65 -15.36 -9.12
C HIS A 285 34.81 -14.40 -9.11
N ARG A 286 34.90 -13.53 -10.12
CA ARG A 286 36.00 -12.57 -10.17
C ARG A 286 36.05 -11.70 -8.94
N GLN A 287 34.87 -11.40 -8.40
CA GLN A 287 34.74 -10.58 -7.21
C GLN A 287 35.11 -11.30 -5.93
N GLY A 288 35.22 -12.64 -5.99
CA GLY A 288 35.52 -13.43 -4.82
C GLY A 288 34.34 -13.70 -3.95
N PHE A 289 33.12 -13.49 -4.47
CA PHE A 289 31.92 -13.77 -3.70
C PHE A 289 31.67 -15.28 -3.62
N SER A 290 30.98 -15.71 -2.55
CA SER A 290 30.45 -17.06 -2.44
C SER A 290 28.92 -17.04 -2.48
N TYR A 291 28.31 -18.05 -3.12
CA TYR A 291 26.85 -18.10 -3.24
C TYR A 291 26.32 -18.72 -1.94
N ASP A 292 26.28 -17.88 -0.90
CA ASP A 292 25.99 -18.29 0.46
C ASP A 292 24.67 -17.70 0.97
N TYR A 293 23.91 -17.03 0.10
CA TYR A 293 22.59 -16.51 0.46
C TYR A 293 22.66 -15.50 1.60
N VAL A 294 23.75 -14.75 1.69
CA VAL A 294 23.79 -13.60 2.57
C VAL A 294 23.54 -12.40 1.68
N PHE A 295 22.27 -11.97 1.63
CA PHE A 295 21.87 -10.74 0.97
C PHE A 295 22.15 -9.55 1.90
N ASP A 296 22.05 -8.35 1.34
CA ASP A 296 22.31 -7.17 2.13
C ASP A 296 21.40 -7.11 3.35
N TRP A 297 20.17 -7.56 3.21
CA TRP A 297 19.22 -7.43 4.31
C TRP A 297 19.40 -8.49 5.40
N GLU B 9 17.44 -16.10 8.05
CA GLU B 9 16.44 -15.07 7.75
C GLU B 9 16.70 -13.84 8.62
N LEU B 10 16.10 -12.72 8.23
CA LEU B 10 16.23 -11.48 8.96
C LEU B 10 15.25 -11.40 10.11
N ARG B 11 15.74 -11.14 11.31
CA ARG B 11 14.90 -10.96 12.49
C ARG B 11 15.07 -9.52 12.95
N VAL B 12 13.98 -8.77 12.96
CA VAL B 12 13.97 -7.48 13.62
C VAL B 12 13.74 -7.69 15.11
N GLY B 13 14.45 -6.93 15.92
CA GLY B 13 14.32 -7.16 17.34
C GLY B 13 14.75 -8.54 17.75
N ASN B 14 15.56 -9.22 16.97
CA ASN B 14 15.96 -10.59 17.29
C ASN B 14 14.78 -11.55 17.25
N ARG B 15 13.60 -11.07 16.87
CA ARG B 15 12.36 -11.77 17.18
C ARG B 15 11.30 -11.77 16.07
N TYR B 16 11.28 -10.80 15.15
CA TYR B 16 10.19 -10.65 14.19
C TYR B 16 10.70 -10.76 12.76
N ARG B 17 10.14 -11.71 12.01
CA ARG B 17 10.42 -11.79 10.57
C ARG B 17 9.82 -10.61 9.85
N LEU B 18 10.59 -9.98 8.96
CA LEU B 18 10.06 -8.88 8.15
C LEU B 18 9.34 -9.42 6.92
N GLY B 19 8.11 -8.96 6.71
CA GLY B 19 7.34 -9.32 5.56
C GLY B 19 7.12 -8.14 4.63
N ARG B 20 6.09 -8.27 3.81
CA ARG B 20 5.82 -7.30 2.76
C ARG B 20 5.43 -5.96 3.36
N LYS B 21 5.71 -4.90 2.63
CA LYS B 21 5.23 -3.59 3.04
C LYS B 21 3.71 -3.52 2.86
N ILE B 22 2.99 -3.07 3.90
CA ILE B 22 1.53 -3.12 3.88
C ILE B 22 0.92 -1.73 3.99
N GLY B 23 1.73 -0.69 3.99
CA GLY B 23 1.22 0.66 4.05
C GLY B 23 2.35 1.63 4.28
N SER B 24 2.19 2.90 3.90
CA SER B 24 3.21 3.90 4.16
C SER B 24 2.54 5.22 4.45
N GLY B 25 3.26 6.11 5.14
CA GLY B 25 2.77 7.42 5.48
C GLY B 25 3.95 8.37 5.62
N SER B 26 3.63 9.63 5.89
CA SER B 26 4.67 10.64 6.04
C SER B 26 5.61 10.34 7.19
N PHE B 27 5.18 9.54 8.17
CA PHE B 27 5.92 9.33 9.41
C PHE B 27 6.42 7.89 9.54
N GLY B 28 6.64 7.21 8.44
CA GLY B 28 7.23 5.88 8.42
C GLY B 28 6.41 4.89 7.62
N ASP B 29 7.04 3.75 7.33
CA ASP B 29 6.40 2.68 6.60
C ASP B 29 6.04 1.53 7.52
N ILE B 30 5.03 0.79 7.13
CA ILE B 30 4.49 -0.32 7.90
C ILE B 30 4.68 -1.58 7.08
N TYR B 31 5.22 -2.60 7.71
CA TYR B 31 5.42 -3.90 7.10
C TYR B 31 4.68 -4.96 7.89
N LEU B 32 4.25 -6.01 7.21
CA LEU B 32 3.87 -7.22 7.91
C LEU B 32 5.10 -7.79 8.62
N GLY B 33 4.86 -8.42 9.77
CA GLY B 33 5.89 -9.19 10.43
C GLY B 33 5.30 -10.46 11.02
N THR B 34 6.19 -11.36 11.43
CA THR B 34 5.78 -12.58 12.12
C THR B 34 6.64 -12.72 13.36
N ASP B 35 5.99 -12.79 14.53
CA ASP B 35 6.66 -13.13 15.78
C ASP B 35 7.01 -14.61 15.72
N ILE B 36 8.31 -14.92 15.59
CA ILE B 36 8.71 -16.29 15.33
C ILE B 36 8.48 -17.19 16.53
N ALA B 37 8.45 -16.61 17.74
CA ALA B 37 8.22 -17.41 18.94
C ALA B 37 6.82 -18.01 18.94
N ALA B 38 5.83 -17.27 18.44
CA ALA B 38 4.43 -17.66 18.50
C ALA B 38 3.77 -17.89 17.16
N GLY B 39 4.44 -17.59 16.06
CA GLY B 39 3.79 -17.54 14.77
C GLY B 39 2.76 -16.45 14.60
N GLU B 40 2.59 -15.60 15.61
CA GLU B 40 1.66 -14.49 15.53
C GLU B 40 2.11 -13.46 14.50
N GLU B 41 1.22 -13.08 13.59
CA GLU B 41 1.48 -11.98 12.69
C GLU B 41 1.37 -10.64 13.43
N VAL B 42 2.25 -9.70 13.08
CA VAL B 42 2.33 -8.39 13.71
C VAL B 42 2.49 -7.35 12.61
N ALA B 43 2.39 -6.08 13.01
CA ALA B 43 2.70 -4.95 12.14
C ALA B 43 3.96 -4.29 12.66
N ILE B 44 4.88 -3.99 11.75
CA ILE B 44 6.19 -3.42 12.10
C ILE B 44 6.28 -2.03 11.47
N LYS B 45 6.42 -1.00 12.31
CA LYS B 45 6.57 0.36 11.84
C LYS B 45 8.04 0.75 11.95
N LEU B 46 8.58 1.27 10.86
CA LEU B 46 9.99 1.65 10.78
C LEU B 46 10.11 3.13 10.48
N GLU B 47 10.98 3.80 11.24
CA GLU B 47 11.34 5.20 11.01
C GLU B 47 12.84 5.30 10.89
N CYS B 48 13.31 5.97 9.84
CA CYS B 48 14.75 6.14 9.65
C CYS B 48 15.32 6.94 10.81
N VAL B 49 16.49 6.52 11.30
CA VAL B 49 17.12 7.21 12.43
C VAL B 49 17.59 8.59 12.01
N LYS B 50 17.95 8.75 10.74
CA LYS B 50 18.39 10.04 10.20
C LYS B 50 17.23 10.91 9.75
N THR B 51 16.09 10.83 10.41
CA THR B 51 14.92 11.54 9.94
C THR B 51 14.87 12.98 10.44
N LYS B 52 14.19 13.82 9.67
CA LYS B 52 14.05 15.26 10.02
C LYS B 52 13.21 15.45 11.29
N HIS B 53 12.37 14.50 11.70
CA HIS B 53 11.46 14.77 12.80
C HIS B 53 11.14 13.48 13.55
N PRO B 54 12.03 12.99 14.37
CA PRO B 54 11.72 11.76 15.10
C PRO B 54 10.35 11.82 15.76
N GLN B 55 9.47 10.86 15.43
CA GLN B 55 8.09 10.86 15.90
C GLN B 55 7.76 9.48 16.47
N LEU B 56 8.36 8.44 15.91
CA LEU B 56 7.98 7.09 16.31
C LEU B 56 8.17 6.86 17.81
N HIS B 57 9.25 7.39 18.37
CA HIS B 57 9.51 7.14 19.77
C HIS B 57 8.43 7.81 20.62
N ILE B 58 7.99 8.98 20.19
CA ILE B 58 6.92 9.67 20.89
C ILE B 58 5.59 8.95 20.71
N GLU B 59 5.28 8.56 19.47
CA GLU B 59 4.09 7.74 19.22
C GLU B 59 4.10 6.49 20.11
N SER B 60 5.27 5.89 20.30
CA SER B 60 5.36 4.71 21.16
C SER B 60 5.01 5.06 22.59
N LYS B 61 5.39 6.26 23.03
CA LYS B 61 5.07 6.70 24.39
C LYS B 61 3.56 6.83 24.57
N ILE B 62 2.87 7.36 23.56
CA ILE B 62 1.44 7.52 23.66
C ILE B 62 0.73 6.17 23.67
N TYR B 63 1.14 5.26 22.79
CA TYR B 63 0.55 3.93 22.82
C TYR B 63 0.72 3.27 24.17
N LYS B 64 1.90 3.43 24.80
CA LYS B 64 2.11 2.80 26.09
C LYS B 64 1.18 3.37 27.15
N MET B 65 0.93 4.69 27.10
CA MET B 65 0.04 5.29 28.08
C MET B 65 -1.38 4.75 27.94
N MET B 66 -1.76 4.35 26.74
CA MET B 66 -3.13 3.91 26.48
C MET B 66 -3.31 2.42 26.46
N GLN B 67 -2.25 1.65 26.71
CA GLN B 67 -2.35 0.21 26.56
C GLN B 67 -3.47 -0.32 27.43
N GLY B 68 -4.17 -1.33 26.90
CA GLY B 68 -5.29 -1.91 27.58
C GLY B 68 -6.62 -1.26 27.29
N GLY B 69 -6.62 -0.03 26.76
CA GLY B 69 -7.86 0.64 26.43
C GLY B 69 -8.61 -0.06 25.32
N VAL B 70 -9.94 0.03 25.37
CA VAL B 70 -10.76 -0.59 24.34
C VAL B 70 -10.45 0.05 22.99
N GLY B 71 -10.16 -0.80 21.99
CA GLY B 71 -9.90 -0.27 20.66
C GLY B 71 -8.57 0.41 20.48
N ILE B 72 -7.60 0.17 21.37
CA ILE B 72 -6.27 0.71 21.29
C ILE B 72 -5.33 -0.47 20.95
N PRO B 73 -4.59 -0.40 19.85
CA PRO B 73 -3.68 -1.52 19.54
C PRO B 73 -2.61 -1.67 20.60
N THR B 74 -2.23 -2.93 20.83
CA THR B 74 -1.18 -3.27 21.77
C THR B 74 0.17 -3.12 21.12
N ILE B 75 1.07 -2.45 21.81
CA ILE B 75 2.44 -2.30 21.35
C ILE B 75 3.25 -3.47 21.93
N ARG B 76 3.99 -4.15 21.08
CA ARG B 76 4.71 -5.38 21.46
C ARG B 76 6.20 -5.19 21.61
N TRP B 77 6.80 -4.25 20.91
CA TRP B 77 8.24 -4.11 21.02
C TRP B 77 8.62 -2.76 20.44
N CYS B 78 9.58 -2.12 21.08
CA CYS B 78 10.20 -0.92 20.54
C CYS B 78 11.70 -1.09 20.68
N GLY B 79 12.43 -0.52 19.74
CA GLY B 79 13.88 -0.62 19.78
C GLY B 79 14.45 0.09 18.58
N ALA B 80 15.77 0.24 18.60
CA ALA B 80 16.53 0.80 17.49
C ALA B 80 17.27 -0.39 16.87
N GLU B 81 17.22 -0.51 15.55
CA GLU B 81 17.76 -1.68 14.89
C GLU B 81 18.27 -1.28 13.52
N GLY B 82 19.60 -1.24 13.37
CA GLY B 82 20.17 -0.90 12.07
C GLY B 82 19.97 0.57 11.80
N ASP B 83 19.42 0.88 10.63
CA ASP B 83 19.17 2.25 10.23
C ASP B 83 17.81 2.75 10.71
N TYR B 84 17.16 2.03 11.63
CA TYR B 84 15.77 2.33 11.96
C TYR B 84 15.47 2.29 13.44
N ASN B 85 14.57 3.19 13.85
CA ASN B 85 13.73 2.98 15.01
C ASN B 85 12.55 2.11 14.62
N VAL B 86 12.17 1.21 15.52
CA VAL B 86 11.19 0.16 15.27
C VAL B 86 10.09 0.26 16.30
N MET B 87 8.85 0.09 15.86
CA MET B 87 7.72 -0.09 16.76
C MET B 87 6.93 -1.27 16.22
N VAL B 88 6.80 -2.33 17.01
CA VAL B 88 6.05 -3.52 16.60
C VAL B 88 4.71 -3.51 17.31
N MET B 89 3.64 -3.67 16.52
CA MET B 89 2.28 -3.57 17.03
C MET B 89 1.49 -4.84 16.75
N GLU B 90 0.47 -5.06 17.57
CA GLU B 90 -0.54 -6.07 17.23
C GLU B 90 -1.08 -5.79 15.83
N LEU B 91 -1.28 -6.86 15.04
CA LEU B 91 -1.81 -6.67 13.70
C LEU B 91 -3.32 -6.60 13.75
N LEU B 92 -3.88 -5.58 13.16
CA LEU B 92 -5.31 -5.42 13.14
C LEU B 92 -5.84 -5.75 11.73
N GLY B 93 -7.16 -5.69 11.60
CA GLY B 93 -7.81 -6.03 10.36
C GLY B 93 -7.87 -4.88 9.38
N PRO B 94 -8.83 -4.92 8.47
CA PRO B 94 -8.87 -3.89 7.43
C PRO B 94 -9.25 -2.53 8.01
N SER B 95 -8.82 -1.47 7.34
CA SER B 95 -9.24 -0.12 7.76
C SER B 95 -10.68 0.14 7.28
N LEU B 96 -11.30 1.18 7.83
CA LEU B 96 -12.63 1.51 7.33
C LEU B 96 -12.59 1.99 5.88
N GLU B 97 -11.48 2.60 5.45
CA GLU B 97 -11.33 2.96 4.04
C GLU B 97 -11.29 1.71 3.18
N ASP B 98 -10.52 0.71 3.62
CA ASP B 98 -10.47 -0.58 2.92
C ASP B 98 -11.88 -1.17 2.79
N LEU B 99 -12.61 -1.22 3.92
CA LEU B 99 -13.95 -1.80 3.92
C LEU B 99 -14.95 -0.96 3.12
N PHE B 100 -14.81 0.36 3.16
CA PHE B 100 -15.65 1.22 2.31
C PHE B 100 -15.45 0.89 0.84
N ASN B 101 -14.20 0.80 0.39
CA ASN B 101 -13.92 0.43 -1.00
C ASN B 101 -14.45 -0.97 -1.28
N PHE B 102 -14.28 -1.88 -0.33
CA PHE B 102 -14.77 -3.22 -0.51
C PHE B 102 -16.27 -3.23 -0.77
N CYS B 103 -17.02 -2.42 -0.01
CA CYS B 103 -18.46 -2.29 -0.15
C CYS B 103 -18.82 -1.35 -1.27
N SER B 104 -17.93 -1.14 -2.22
CA SER B 104 -18.20 -0.30 -3.38
C SER B 104 -18.59 1.12 -2.95
N ARG B 105 -17.96 1.60 -1.88
CA ARG B 105 -18.07 2.98 -1.45
C ARG B 105 -19.53 3.34 -1.16
N LYS B 106 -20.26 2.37 -0.63
CA LYS B 106 -21.60 2.59 -0.10
C LYS B 106 -21.70 1.87 1.23
N PHE B 107 -22.06 2.62 2.29
CA PHE B 107 -22.39 2.06 3.57
C PHE B 107 -23.87 2.38 3.84
N SER B 108 -24.60 1.41 4.34
CA SER B 108 -25.95 1.63 4.82
C SER B 108 -25.95 2.57 6.02
N LEU B 109 -27.09 3.22 6.25
CA LEU B 109 -27.20 4.05 7.46
C LEU B 109 -26.89 3.27 8.72
N LYS B 110 -27.37 2.03 8.82
CA LYS B 110 -27.11 1.24 10.01
C LYS B 110 -25.60 1.12 10.28
N THR B 111 -24.83 0.80 9.25
CA THR B 111 -23.37 0.68 9.41
C THR B 111 -22.76 2.02 9.77
N VAL B 112 -23.22 3.09 9.12
CA VAL B 112 -22.68 4.41 9.48
C VAL B 112 -22.94 4.71 10.96
N LEU B 113 -24.14 4.40 11.47
CA LEU B 113 -24.44 4.71 12.85
C LEU B 113 -23.69 3.80 13.83
N LEU B 114 -23.53 2.51 13.48
CA LEU B 114 -22.77 1.62 14.35
C LEU B 114 -21.33 2.11 14.46
N LEU B 115 -20.75 2.53 13.33
CA LEU B 115 -19.39 3.04 13.34
C LEU B 115 -19.31 4.35 14.12
N ALA B 116 -20.27 5.25 13.91
CA ALA B 116 -20.23 6.54 14.60
C ALA B 116 -20.17 6.37 16.11
N ASP B 117 -20.96 5.43 16.66
CA ASP B 117 -20.97 5.25 18.10
C ASP B 117 -19.60 4.90 18.64
N GLN B 118 -18.92 3.96 17.99
CA GLN B 118 -17.62 3.52 18.45
C GLN B 118 -16.56 4.59 18.21
N MET B 119 -16.64 5.29 17.09
CA MET B 119 -15.63 6.27 16.75
C MET B 119 -15.67 7.44 17.71
N ILE B 120 -16.88 7.89 18.10
CA ILE B 120 -17.00 8.94 19.11
C ILE B 120 -16.39 8.48 20.42
N SER B 121 -16.64 7.21 20.80
CA SER B 121 -16.09 6.67 22.04
C SER B 121 -14.57 6.55 21.98
N ARG B 122 -14.01 6.17 20.83
CA ARG B 122 -12.56 6.06 20.75
C ARG B 122 -11.93 7.44 20.92
N ILE B 123 -12.51 8.43 20.29
CA ILE B 123 -11.99 9.79 20.39
C ILE B 123 -12.13 10.29 21.82
N GLU B 124 -13.30 10.05 22.44
CA GLU B 124 -13.48 10.43 23.84
C GLU B 124 -12.42 9.80 24.72
N TYR B 125 -12.06 8.54 24.46
CA TYR B 125 -11.05 7.86 25.28
C TYR B 125 -9.71 8.58 25.19
N ILE B 126 -9.30 8.93 23.96
CA ILE B 126 -8.06 9.66 23.75
C ILE B 126 -8.09 10.98 24.49
N HIS B 127 -9.19 11.71 24.36
CA HIS B 127 -9.32 12.99 25.06
C HIS B 127 -9.24 12.80 26.58
N SER B 128 -9.82 11.72 27.09
CA SER B 128 -9.79 11.46 28.52
C SER B 128 -8.38 11.20 29.01
N LYS B 129 -7.50 10.74 28.11
CA LYS B 129 -6.09 10.53 28.42
C LYS B 129 -5.26 11.76 28.19
N ASN B 130 -5.91 12.89 27.91
CA ASN B 130 -5.33 14.23 27.84
C ASN B 130 -4.69 14.54 26.50
N PHE B 131 -4.99 13.76 25.46
CA PHE B 131 -4.44 13.94 24.12
C PHE B 131 -5.55 14.27 23.12
N ILE B 132 -5.18 14.97 22.08
CA ILE B 132 -5.97 15.07 20.86
C ILE B 132 -5.23 14.30 19.77
N HIS B 133 -5.98 13.76 18.83
CA HIS B 133 -5.45 12.89 17.78
C HIS B 133 -4.91 13.65 16.58
N ARG B 134 -5.72 14.57 16.06
CA ARG B 134 -5.38 15.54 15.01
C ARG B 134 -5.26 14.93 13.62
N ASP B 135 -5.57 13.65 13.45
CA ASP B 135 -5.54 13.02 12.12
C ASP B 135 -6.68 12.02 11.99
N VAL B 136 -7.91 12.45 12.35
CA VAL B 136 -9.06 11.55 12.22
C VAL B 136 -9.43 11.42 10.75
N LYS B 137 -9.43 10.17 10.25
CA LYS B 137 -9.73 9.85 8.86
C LYS B 137 -10.01 8.34 8.77
N PRO B 138 -10.72 7.91 7.73
CA PRO B 138 -11.09 6.49 7.66
C PRO B 138 -9.91 5.53 7.66
N ASP B 139 -8.76 5.92 7.14
CA ASP B 139 -7.58 5.07 7.13
C ASP B 139 -7.06 4.78 8.54
N ASN B 140 -7.43 5.60 9.53
CA ASN B 140 -6.88 5.50 10.88
C ASN B 140 -7.85 4.84 11.86
N PHE B 141 -8.88 4.16 11.34
CA PHE B 141 -9.71 3.26 12.10
C PHE B 141 -9.63 1.91 11.43
N LEU B 142 -9.32 0.88 12.21
CA LEU B 142 -9.17 -0.49 11.74
C LEU B 142 -10.09 -1.39 12.54
N MET B 143 -10.68 -2.39 11.88
CA MET B 143 -11.42 -3.38 12.64
C MET B 143 -10.47 -4.38 13.30
N GLY B 144 -10.90 -4.91 14.43
CA GLY B 144 -10.16 -5.95 15.12
C GLY B 144 -10.26 -7.26 14.35
N LEU B 145 -9.57 -8.26 14.89
CA LEU B 145 -9.53 -9.58 14.28
C LEU B 145 -10.35 -10.57 15.09
N GLY B 146 -10.97 -11.52 14.39
CA GLY B 146 -11.67 -12.62 15.02
C GLY B 146 -12.71 -12.24 16.04
N LYS B 147 -12.46 -12.59 17.30
CA LYS B 147 -13.43 -12.28 18.36
C LYS B 147 -13.63 -10.77 18.51
N LYS B 148 -12.59 -9.99 18.24
CA LYS B 148 -12.69 -8.54 18.26
C LYS B 148 -13.01 -7.95 16.88
N GLY B 149 -13.56 -8.77 15.97
CA GLY B 149 -13.83 -8.30 14.62
C GLY B 149 -14.94 -7.26 14.53
N ASN B 150 -15.72 -7.10 15.59
CA ASN B 150 -16.77 -6.10 15.66
C ASN B 150 -16.31 -4.82 16.32
N LEU B 151 -15.05 -4.73 16.75
CA LEU B 151 -14.55 -3.59 17.50
C LEU B 151 -13.73 -2.69 16.59
N VAL B 152 -14.01 -1.37 16.64
CA VAL B 152 -13.27 -0.38 15.89
C VAL B 152 -12.07 0.07 16.71
N TYR B 153 -10.87 -0.02 16.12
CA TYR B 153 -9.64 0.48 16.70
C TYR B 153 -9.26 1.81 16.07
N ILE B 154 -8.55 2.65 16.85
CA ILE B 154 -7.98 3.89 16.34
C ILE B 154 -6.47 3.72 16.38
N ILE B 155 -5.80 4.18 15.30
CA ILE B 155 -4.36 4.10 15.13
C ILE B 155 -3.80 5.46 14.74
N ASP B 156 -2.47 5.47 14.56
CA ASP B 156 -1.69 6.57 13.98
C ASP B 156 -1.71 7.77 14.92
N PHE B 157 -0.86 7.72 15.93
CA PHE B 157 -0.74 8.81 16.90
C PHE B 157 0.46 9.70 16.61
N GLY B 158 0.94 9.67 15.37
CA GLY B 158 2.11 10.45 15.02
C GLY B 158 1.89 11.95 15.06
N LEU B 159 0.64 12.41 14.98
CA LEU B 159 0.37 13.83 15.13
C LEU B 159 -0.34 14.15 16.44
N ALA B 160 -0.51 13.15 17.32
CA ALA B 160 -1.25 13.38 18.55
C ALA B 160 -0.43 14.26 19.49
N LYS B 161 -1.12 14.97 20.37
CA LYS B 161 -0.41 15.79 21.34
C LYS B 161 -1.30 16.03 22.54
N LYS B 162 -0.66 16.40 23.65
CA LYS B 162 -1.41 16.75 24.84
C LYS B 162 -2.13 18.07 24.63
N TYR B 163 -3.41 18.13 25.05
CA TYR B 163 -4.16 19.38 25.03
C TYR B 163 -4.48 19.90 26.43
N ARG B 164 -4.25 19.11 27.49
CA ARG B 164 -4.49 19.61 28.83
C ARG B 164 -3.47 18.98 29.77
N ASP B 165 -3.14 19.74 30.82
CA ASP B 165 -2.15 19.30 31.80
C ASP B 165 -2.66 18.08 32.54
N ALA B 166 -1.79 17.06 32.65
CA ALA B 166 -2.18 15.80 33.27
C ALA B 166 -2.58 15.98 34.73
N ARG B 167 -2.00 16.95 35.42
CA ARG B 167 -2.33 17.16 36.83
C ARG B 167 -3.50 18.10 37.03
N THR B 168 -3.49 19.25 36.35
CA THR B 168 -4.49 20.28 36.57
C THR B 168 -5.62 20.33 35.55
N HIS B 169 -5.49 19.62 34.43
CA HIS B 169 -6.42 19.74 33.31
C HIS B 169 -6.53 21.16 32.78
N GLN B 170 -5.54 22.00 33.03
CA GLN B 170 -5.44 23.29 32.35
C GLN B 170 -5.22 23.07 30.85
N HIS B 171 -6.07 23.70 30.05
CA HIS B 171 -6.02 23.55 28.59
C HIS B 171 -4.80 24.28 28.01
N ILE B 172 -4.24 23.74 26.93
CA ILE B 172 -3.16 24.39 26.20
C ILE B 172 -3.65 25.74 25.69
N PRO B 173 -2.75 26.69 25.43
CA PRO B 173 -3.20 28.01 25.00
C PRO B 173 -3.63 28.05 23.54
N TYR B 174 -4.51 28.99 23.29
CA TYR B 174 -4.93 29.30 21.93
C TYR B 174 -3.75 29.87 21.16
N ARG B 175 -3.72 29.57 19.87
CA ARG B 175 -2.69 30.06 18.95
C ARG B 175 -3.33 30.23 17.58
N GLU B 176 -2.80 31.20 16.84
CA GLU B 176 -3.21 31.49 15.47
C GLU B 176 -2.02 31.27 14.54
N ASN B 177 -2.28 31.46 13.25
CA ASN B 177 -1.26 31.49 12.20
C ASN B 177 -0.49 30.19 12.05
N LYS B 178 -1.11 29.09 12.41
CA LYS B 178 -0.46 27.78 12.30
C LYS B 178 -0.57 27.23 10.88
N ASN B 179 0.45 26.49 10.44
CA ASN B 179 0.39 25.75 9.21
C ASN B 179 -0.45 24.51 9.43
N LEU B 180 -0.93 23.93 8.32
CA LEU B 180 -1.88 22.84 8.42
C LEU B 180 -1.21 21.62 9.03
N THR B 181 -1.89 20.98 9.99
CA THR B 181 -1.51 19.70 10.55
C THR B 181 -2.70 18.77 10.34
N GLY B 182 -2.41 17.53 9.93
CA GLY B 182 -3.46 16.57 9.69
C GLY B 182 -3.62 16.29 8.22
N THR B 183 -4.83 16.03 7.79
CA THR B 183 -5.10 15.72 6.40
C THR B 183 -6.04 16.76 5.84
N ALA B 184 -5.75 17.22 4.63
CA ALA B 184 -6.55 18.29 4.04
C ALA B 184 -8.02 17.88 3.89
N ARG B 185 -8.28 16.64 3.49
CA ARG B 185 -9.67 16.28 3.19
C ARG B 185 -10.55 16.36 4.44
N TYR B 186 -9.99 15.98 5.58
CA TYR B 186 -10.81 15.79 6.78
C TYR B 186 -10.56 16.86 7.84
N ALA B 187 -9.60 17.75 7.63
CA ALA B 187 -9.28 18.73 8.66
C ALA B 187 -10.47 19.66 8.94
N SER B 188 -10.53 20.16 10.18
CA SER B 188 -11.57 21.10 10.54
C SER B 188 -11.36 22.44 9.84
N ILE B 189 -12.43 23.22 9.74
CA ILE B 189 -12.33 24.55 9.17
C ILE B 189 -11.35 25.41 9.95
N ASN B 190 -11.43 25.40 11.28
CA ASN B 190 -10.50 26.26 12.02
C ASN B 190 -9.05 25.82 11.80
N THR B 191 -8.82 24.53 11.54
CA THR B 191 -7.44 24.11 11.26
C THR B 191 -6.94 24.75 9.97
N HIS B 192 -7.78 24.76 8.92
CA HIS B 192 -7.44 25.50 7.70
C HIS B 192 -7.19 26.97 7.98
N LEU B 193 -7.90 27.54 8.93
CA LEU B 193 -7.74 28.95 9.25
C LEU B 193 -6.53 29.26 10.12
N GLY B 194 -5.77 28.24 10.49
CA GLY B 194 -4.56 28.43 11.28
C GLY B 194 -4.72 28.40 12.77
N ILE B 195 -5.87 27.94 13.29
CA ILE B 195 -6.12 27.93 14.72
C ILE B 195 -5.59 26.64 15.32
N GLU B 196 -5.00 26.74 16.49
CA GLU B 196 -4.59 25.57 17.26
C GLU B 196 -5.73 24.56 17.34
N GLN B 197 -5.40 23.30 17.13
CA GLN B 197 -6.36 22.22 17.30
C GLN B 197 -6.72 21.99 18.76
N SER B 198 -7.95 21.55 18.99
CA SER B 198 -8.40 21.14 20.31
C SER B 198 -9.39 20.00 20.13
N ARG B 199 -10.13 19.67 21.20
CA ARG B 199 -10.97 18.48 21.15
C ARG B 199 -12.02 18.60 20.06
N ARG B 200 -12.60 19.80 19.93
CA ARG B 200 -13.65 20.01 18.94
C ARG B 200 -13.22 19.60 17.54
N ASP B 201 -11.95 19.80 17.20
CA ASP B 201 -11.49 19.57 15.83
C ASP B 201 -11.48 18.09 15.51
N ASP B 202 -11.11 17.26 16.49
CA ASP B 202 -11.17 15.81 16.26
C ASP B 202 -12.59 15.40 15.93
N LEU B 203 -13.56 15.98 16.62
CA LEU B 203 -14.95 15.60 16.44
C LEU B 203 -15.52 16.15 15.14
N GLU B 204 -15.11 17.36 14.76
CA GLU B 204 -15.52 17.88 13.45
C GLU B 204 -15.01 16.98 12.32
N SER B 205 -13.74 16.59 12.40
CA SER B 205 -13.18 15.68 11.41
C SER B 205 -14.01 14.41 11.34
N LEU B 206 -14.39 13.85 12.49
CA LEU B 206 -15.25 12.66 12.45
C LEU B 206 -16.55 12.95 11.72
N GLY B 207 -17.12 14.13 11.92
CA GLY B 207 -18.33 14.51 11.19
C GLY B 207 -18.15 14.46 9.68
N TYR B 208 -16.99 14.90 9.18
CA TYR B 208 -16.74 14.80 7.75
C TYR B 208 -16.56 13.35 7.35
N VAL B 209 -15.94 12.53 8.22
CA VAL B 209 -15.80 11.11 7.92
C VAL B 209 -17.19 10.47 7.76
N LEU B 210 -18.12 10.78 8.66
CA LEU B 210 -19.45 10.17 8.59
C LEU B 210 -20.18 10.60 7.32
N MET B 211 -20.10 11.88 6.95
CA MET B 211 -20.76 12.28 5.71
C MET B 211 -20.06 11.71 4.48
N TYR B 212 -18.74 11.55 4.54
CA TYR B 212 -18.03 10.84 3.46
C TYR B 212 -18.58 9.43 3.29
N PHE B 213 -18.79 8.71 4.39
CA PHE B 213 -19.36 7.37 4.28
C PHE B 213 -20.77 7.42 3.68
N ASN B 214 -21.55 8.46 4.01
CA ASN B 214 -22.92 8.58 3.48
C ASN B 214 -22.92 8.92 2.01
N LEU B 215 -21.98 9.75 1.56
CA LEU B 215 -22.01 10.31 0.21
C LEU B 215 -21.18 9.55 -0.78
N GLY B 216 -20.12 8.88 -0.33
CA GLY B 216 -19.15 8.26 -1.19
C GLY B 216 -17.95 9.11 -1.51
N SER B 217 -18.07 10.42 -1.31
CA SER B 217 -17.08 11.43 -1.67
C SER B 217 -17.46 12.66 -0.87
N LEU B 218 -16.49 13.55 -0.67
CA LEU B 218 -16.83 14.85 -0.13
C LEU B 218 -16.73 15.92 -1.21
N PRO B 219 -17.45 17.04 -1.07
CA PRO B 219 -17.48 18.02 -2.17
C PRO B 219 -16.14 18.67 -2.47
N TRP B 220 -15.20 18.69 -1.53
CA TRP B 220 -13.90 19.31 -1.72
C TRP B 220 -12.83 18.30 -2.10
N GLN B 221 -13.23 17.09 -2.42
CA GLN B 221 -12.35 15.99 -2.80
C GLN B 221 -12.28 15.92 -4.32
N GLY B 222 -11.07 15.74 -4.84
CA GLY B 222 -10.85 15.62 -6.26
C GLY B 222 -10.93 16.93 -7.02
N LEU B 223 -10.45 18.02 -6.44
CA LEU B 223 -10.47 19.31 -7.10
C LEU B 223 -9.23 19.51 -7.96
N LYS B 224 -9.42 20.14 -9.12
CA LYS B 224 -8.32 20.41 -10.03
C LYS B 224 -7.47 21.57 -9.53
N ALA B 225 -6.16 21.32 -9.40
CA ALA B 225 -5.22 22.37 -9.00
C ALA B 225 -3.84 22.13 -9.60
N ALA B 226 -3.32 20.91 -9.48
CA ALA B 226 -2.06 20.49 -10.10
C ALA B 226 -0.85 21.06 -9.36
N THR B 227 -1.02 21.45 -8.10
CA THR B 227 0.05 22.16 -7.33
C THR B 227 -0.28 22.03 -5.87
N LYS B 228 0.69 21.78 -5.01
CA LYS B 228 0.33 21.51 -3.60
C LYS B 228 -0.26 22.79 -3.01
N ARG B 229 0.41 23.91 -3.18
CA ARG B 229 -0.02 25.18 -2.56
C ARG B 229 -1.46 25.44 -2.96
N GLN B 230 -1.77 25.42 -4.24
CA GLN B 230 -3.09 25.84 -4.73
C GLN B 230 -4.10 24.76 -4.39
N LYS B 231 -3.68 23.51 -4.31
CA LYS B 231 -4.61 22.44 -4.02
C LYS B 231 -5.21 22.58 -2.62
N TYR B 232 -4.38 22.90 -1.62
CA TYR B 232 -4.95 23.04 -0.27
C TYR B 232 -5.76 24.32 -0.14
N GLU B 233 -5.43 25.37 -0.90
CA GLU B 233 -6.25 26.57 -0.86
C GLU B 233 -7.63 26.32 -1.44
N ARG B 234 -7.70 25.57 -2.54
CA ARG B 234 -8.98 25.19 -3.14
C ARG B 234 -9.82 24.36 -2.18
N ILE B 235 -9.21 23.38 -1.52
CA ILE B 235 -9.95 22.54 -0.59
C ILE B 235 -10.50 23.41 0.54
N SER B 236 -9.63 24.21 1.14
CA SER B 236 -10.05 25.11 2.21
C SER B 236 -11.25 25.95 1.79
N GLU B 237 -11.16 26.55 0.61
CA GLU B 237 -12.23 27.45 0.17
C GLU B 237 -13.53 26.70 -0.03
N LYS B 238 -13.47 25.53 -0.66
CA LYS B 238 -14.70 24.77 -0.91
C LYS B 238 -15.32 24.29 0.40
N LYS B 239 -14.49 23.80 1.33
CA LYS B 239 -15.02 23.38 2.62
C LYS B 239 -15.69 24.54 3.35
N MET B 240 -15.06 25.73 3.33
CA MET B 240 -15.68 26.90 3.97
C MET B 240 -16.89 27.40 3.19
N SER B 241 -16.90 27.24 1.87
CA SER B 241 -18.00 27.71 1.04
C SER B 241 -19.22 26.79 1.03
N THR B 242 -19.12 25.60 1.63
CA THR B 242 -20.22 24.64 1.61
C THR B 242 -20.93 24.64 2.94
N PRO B 243 -22.14 25.18 3.05
CA PRO B 243 -22.88 25.09 4.30
C PRO B 243 -23.12 23.65 4.72
N ILE B 244 -23.17 23.44 6.04
CA ILE B 244 -23.43 22.10 6.57
C ILE B 244 -24.74 21.58 6.05
N GLU B 245 -25.73 22.45 5.92
CA GLU B 245 -27.04 21.99 5.45
C GLU B 245 -26.99 21.54 3.99
N VAL B 246 -26.09 22.11 3.19
CA VAL B 246 -25.90 21.66 1.82
C VAL B 246 -25.12 20.36 1.81
N LEU B 247 -24.07 20.27 2.63
CA LEU B 247 -23.29 19.05 2.71
C LEU B 247 -24.16 17.85 3.06
N CYS B 248 -25.11 18.06 3.98
CA CYS B 248 -25.87 16.98 4.60
C CYS B 248 -27.23 16.79 3.96
N LYS B 249 -27.53 17.53 2.91
CA LYS B 249 -28.82 17.44 2.24
C LYS B 249 -29.13 16.00 1.85
N GLY B 250 -30.34 15.55 2.19
CA GLY B 250 -30.77 14.21 1.87
C GLY B 250 -30.52 13.16 2.91
N TYR B 251 -29.90 13.53 4.03
CA TYR B 251 -29.55 12.62 5.11
C TYR B 251 -30.23 13.10 6.39
N PRO B 252 -30.38 12.21 7.36
CA PRO B 252 -31.12 12.57 8.56
C PRO B 252 -30.48 13.79 9.23
N SER B 253 -31.31 14.62 9.82
CA SER B 253 -30.83 15.88 10.37
C SER B 253 -29.74 15.70 11.40
N GLU B 254 -29.66 14.54 12.04
CA GLU B 254 -28.65 14.33 13.06
C GLU B 254 -27.23 14.61 12.54
N PHE B 255 -26.96 14.31 11.28
CA PHE B 255 -25.61 14.55 10.79
C PHE B 255 -25.27 16.03 10.76
N ALA B 256 -26.21 16.88 10.33
CA ALA B 256 -26.02 18.33 10.39
C ALA B 256 -26.01 18.81 11.84
N THR B 257 -26.88 18.26 12.69
CA THR B 257 -26.86 18.66 14.10
C THR B 257 -25.50 18.38 14.71
N TYR B 258 -24.96 17.20 14.42
CA TYR B 258 -23.63 16.82 14.88
C TYR B 258 -22.59 17.84 14.43
N LEU B 259 -22.56 18.15 13.13
CA LEU B 259 -21.51 19.02 12.60
C LEU B 259 -21.68 20.44 13.13
N ASN B 260 -22.93 20.94 13.20
CA ASN B 260 -23.13 22.29 13.72
C ASN B 260 -22.69 22.35 15.18
N PHE B 261 -22.96 21.29 15.94
CA PHE B 261 -22.54 21.25 17.33
C PHE B 261 -21.03 21.36 17.44
N CYS B 262 -20.31 20.57 16.65
CA CYS B 262 -18.85 20.62 16.72
C CYS B 262 -18.31 21.99 16.32
N ARG B 263 -18.88 22.61 15.30
CA ARG B 263 -18.42 23.92 14.85
C ARG B 263 -18.76 25.01 15.84
N SER B 264 -19.74 24.79 16.69
CA SER B 264 -20.06 25.80 17.69
C SER B 264 -19.27 25.67 18.97
N LEU B 265 -18.59 24.56 19.19
CA LEU B 265 -17.77 24.42 20.39
C LEU B 265 -16.70 25.50 20.42
N ARG B 266 -16.41 25.95 21.61
CA ARG B 266 -15.33 26.91 21.83
C ARG B 266 -14.04 26.12 21.97
N PHE B 267 -12.95 26.82 21.77
CA PHE B 267 -11.62 26.20 21.76
C PHE B 267 -11.41 25.30 22.96
N ASP B 268 -11.68 25.79 24.14
CA ASP B 268 -11.33 24.96 25.27
C ASP B 268 -12.51 24.18 25.83
N ASP B 269 -13.65 24.20 25.12
CA ASP B 269 -14.84 23.50 25.59
C ASP B 269 -14.65 21.99 25.61
N LYS B 270 -15.19 21.35 26.66
CA LYS B 270 -15.28 19.89 26.71
C LYS B 270 -16.51 19.45 25.93
N PRO B 271 -16.38 18.63 24.90
CA PRO B 271 -17.57 18.17 24.17
C PRO B 271 -18.47 17.29 25.03
N ASP B 272 -19.77 17.38 24.74
CA ASP B 272 -20.75 16.48 25.35
C ASP B 272 -20.83 15.24 24.45
N TYR B 273 -19.89 14.31 24.70
CA TYR B 273 -19.77 13.09 23.90
C TYR B 273 -21.04 12.27 24.00
N SER B 274 -21.64 12.23 25.21
CA SER B 274 -22.85 11.43 25.43
C SER B 274 -24.02 11.97 24.63
N TYR B 275 -24.17 13.29 24.56
CA TYR B 275 -25.18 13.91 23.70
C TYR B 275 -24.96 13.50 22.25
N LEU B 276 -23.72 13.59 21.78
CA LEU B 276 -23.46 13.30 20.37
C LEU B 276 -23.74 11.83 20.07
N ARG B 277 -23.33 10.92 20.95
CA ARG B 277 -23.68 9.51 20.73
C ARG B 277 -25.18 9.32 20.79
N GLN B 278 -25.86 9.99 21.72
CA GLN B 278 -27.31 9.79 21.85
C GLN B 278 -28.06 10.30 20.62
N LEU B 279 -27.55 11.35 19.96
CA LEU B 279 -28.17 11.78 18.70
C LEU B 279 -28.30 10.61 17.75
N PHE B 280 -27.21 9.87 17.54
CA PHE B 280 -27.20 8.80 16.58
C PHE B 280 -27.88 7.56 17.12
N ARG B 281 -27.81 7.31 18.43
CA ARG B 281 -28.51 6.15 19.00
C ARG B 281 -30.02 6.32 18.86
N ASN B 282 -30.53 7.54 19.10
CA ASN B 282 -31.97 7.77 18.95
C ASN B 282 -32.39 7.55 17.50
N LEU B 283 -31.57 8.00 16.55
CA LEU B 283 -31.85 7.76 15.15
C LEU B 283 -31.87 6.27 14.83
N PHE B 284 -30.87 5.55 15.33
CA PHE B 284 -30.80 4.08 15.11
C PHE B 284 -32.07 3.41 15.62
N HIS B 285 -32.55 3.81 16.79
CA HIS B 285 -33.76 3.22 17.33
C HIS B 285 -34.95 3.54 16.44
N ARG B 286 -35.06 4.78 15.97
CA ARG B 286 -36.18 5.16 15.10
C ARG B 286 -36.17 4.40 13.77
N GLN B 287 -34.99 4.02 13.29
CA GLN B 287 -34.93 3.29 12.05
C GLN B 287 -35.41 1.85 12.20
N GLY B 288 -35.52 1.35 13.42
CA GLY B 288 -35.94 -0.02 13.60
C GLY B 288 -34.86 -1.03 13.35
N PHE B 289 -33.61 -0.60 13.32
CA PHE B 289 -32.55 -1.53 13.05
C PHE B 289 -32.50 -2.54 14.19
N SER B 290 -32.15 -3.77 13.84
CA SER B 290 -31.93 -4.80 14.85
C SER B 290 -30.61 -4.52 15.57
N TYR B 291 -30.61 -4.78 16.88
CA TYR B 291 -29.45 -4.51 17.71
C TYR B 291 -28.51 -5.72 17.68
N ASP B 292 -27.89 -5.92 16.50
CA ASP B 292 -27.10 -7.14 16.28
C ASP B 292 -25.66 -6.93 15.80
N TYR B 293 -25.21 -5.70 15.60
CA TYR B 293 -23.83 -5.44 15.23
C TYR B 293 -23.40 -6.15 13.94
N VAL B 294 -24.30 -6.28 12.98
CA VAL B 294 -24.00 -6.81 11.66
C VAL B 294 -23.74 -5.62 10.74
N PHE B 295 -22.47 -5.41 10.44
CA PHE B 295 -22.08 -4.39 9.49
C PHE B 295 -22.36 -4.83 8.05
N ASP B 296 -22.27 -3.88 7.13
CA ASP B 296 -22.58 -4.18 5.74
C ASP B 296 -21.71 -5.31 5.21
N TRP B 297 -20.46 -5.34 5.61
CA TRP B 297 -19.51 -6.36 5.12
C TRP B 297 -19.81 -7.66 5.86
N VAL C 6 5.40 4.26 -12.79
CA VAL C 6 5.41 2.87 -12.24
C VAL C 6 4.03 2.20 -12.35
N ALA C 7 2.99 2.89 -12.84
CA ALA C 7 1.69 2.29 -13.08
C ALA C 7 1.68 1.22 -14.17
N LEU C 9 0.43 -0.53 -17.16
CA LEU C 9 -0.40 -0.09 -18.27
C LEU C 9 -0.84 -1.28 -19.13
N THR C 10 -2.07 -1.23 -19.65
CA THR C 10 -2.55 -2.26 -20.56
C THR C 10 -2.57 -1.75 -22.00
N VAL D 6 -4.91 13.59 1.01
CA VAL D 6 -5.00 12.65 2.14
C VAL D 6 -3.63 12.38 2.77
N ALA D 7 -2.61 13.09 2.28
CA ALA D 7 -1.30 13.01 2.92
C ALA D 7 -1.36 13.58 4.33
N LEU D 9 -0.03 15.72 7.12
CA LEU D 9 0.86 16.88 7.13
C LEU D 9 1.22 17.28 8.54
N THR D 10 2.43 17.79 8.74
CA THR D 10 2.85 18.25 10.05
C THR D 10 3.03 19.77 10.10
#